data_9OM9
#
_entry.id   9OM9
#
_cell.length_a   166.525
_cell.length_b   54.958
_cell.length_c   119.606
_cell.angle_alpha   90.00
_cell.angle_beta   129.50
_cell.angle_gamma   90.00
#
_symmetry.space_group_name_H-M   'C 1 2 1'
#
loop_
_entity.id
_entity.type
_entity.pdbx_description
1 polymer "Bis(5'-nucleosyl)-tetraphosphatase [symmetrical]"
2 non-polymer '[[(2~{R},3~{S},4~{R},5~{R})-5-(6-aminopurin-9-yl)-3,4-bis(oxidanyl)oxolan-2-yl]methoxy-oxidanyl-phosphoryl]oxy-[[[[(3~{S},4~{S},5~{R})-5-(6-aminopurin-9-yl)-3,4-bis(oxidanyl)oxolan-2-yl]methoxy-oxidanyl-phosphoryl]oxy-oxidanyl-phosphoryl]methyl]phosphinic acid'
3 non-polymer 'MANGANESE (II) ION'
4 non-polymer 'MAGNESIUM ION'
5 non-polymer '4-(2-HYDROXYETHYL)-1-PIPERAZINE ETHANESULFONIC ACID'
6 water water
#
_entity_poly.entity_id   1
_entity_poly.type   'polypeptide(L)'
_entity_poly.pdbx_seq_one_letter_code
;MATYLIGDVHGCYDELIALLHKVEFTPGKDTLWLTGDLVARGPGSLDVLRYVKSLGDSVRLVLGNHDLHLLAVFAGISRN
KPKDRLTPLLEAPDADELLNWLRRQPLLQIDEEKKLVMAHAGITPQWDLQTAKECARDVEAVLSSDSYPFFLDAMYGDMP
NNWSPELRGLGRLRFITNAFTRMRFCFPNGQLDMYSKESPEEAPAPLKPWFAIPGPVAEEYSIAFGHWASLEGKGTPEGI
YALDTGCCWGGTLTCLRWEDKQYFVQPSNRHKDLGEAAASHHHHHH
;
_entity_poly.pdbx_strand_id   A,B
#
# COMPACT_ATOMS: atom_id res chain seq x y z
N ALA A 2 -16.43 30.76 -14.60
CA ALA A 2 -15.07 30.45 -14.13
C ALA A 2 -14.80 28.97 -14.36
N THR A 3 -13.52 28.60 -14.37
CA THR A 3 -13.10 27.22 -14.57
C THR A 3 -12.42 26.75 -13.30
N TYR A 4 -12.91 25.67 -12.72
CA TYR A 4 -12.34 25.11 -11.50
C TYR A 4 -11.85 23.71 -11.79
N LEU A 5 -10.68 23.35 -11.24
CA LEU A 5 -10.09 22.03 -11.39
C LEU A 5 -9.87 21.45 -10.00
N ILE A 6 -10.39 20.25 -9.75
CA ILE A 6 -10.26 19.61 -8.44
C ILE A 6 -9.60 18.26 -8.60
N GLY A 7 -8.71 17.93 -7.67
CA GLY A 7 -8.00 16.66 -7.68
C GLY A 7 -8.85 15.52 -7.16
N ASP A 8 -8.18 14.39 -6.86
CA ASP A 8 -8.88 13.14 -6.57
C ASP A 8 -9.84 13.28 -5.40
N VAL A 9 -11.11 12.98 -5.65
CA VAL A 9 -12.15 13.15 -4.64
C VAL A 9 -12.25 11.93 -3.72
N HIS A 10 -12.07 10.73 -4.26
CA HIS A 10 -12.07 9.49 -3.49
C HIS A 10 -13.21 9.43 -2.48
N GLY A 11 -14.42 9.65 -2.95
CA GLY A 11 -15.58 9.48 -2.09
C GLY A 11 -15.74 10.54 -1.03
N CYS A 12 -14.94 11.61 -1.07
CA CYS A 12 -15.03 12.66 -0.06
C CYS A 12 -16.08 13.68 -0.52
N TYR A 13 -17.33 13.23 -0.46
CA TYR A 13 -18.45 14.04 -0.93
C TYR A 13 -18.59 15.32 -0.11
N ASP A 14 -18.57 15.21 1.22
CA ASP A 14 -18.74 16.41 2.04
C ASP A 14 -17.70 17.48 1.70
N GLU A 15 -16.44 17.06 1.57
CA GLU A 15 -15.37 18.01 1.27
C GLU A 15 -15.55 18.61 -0.11
N LEU A 16 -15.98 17.81 -1.07
CA LEU A 16 -16.16 18.31 -2.42
C LEU A 16 -17.23 19.40 -2.45
N ILE A 17 -18.37 19.13 -1.81
CA ILE A 17 -19.44 20.12 -1.81
C ILE A 17 -19.03 21.37 -1.03
N ALA A 18 -18.34 21.20 0.09
CA ALA A 18 -17.89 22.36 0.85
C ALA A 18 -16.95 23.22 0.04
N LEU A 19 -16.02 22.59 -0.69
CA LEU A 19 -15.08 23.34 -1.52
C LEU A 19 -15.79 24.06 -2.66
N LEU A 20 -16.74 23.39 -3.31
CA LEU A 20 -17.48 24.05 -4.38
C LEU A 20 -18.32 25.21 -3.85
N HIS A 21 -18.87 25.07 -2.64
CA HIS A 21 -19.62 26.20 -2.04
C HIS A 21 -18.67 27.35 -1.71
N LYS A 22 -17.46 27.03 -1.28
CA LYS A 22 -16.45 28.06 -1.02
C LYS A 22 -16.20 28.93 -2.24
N VAL A 23 -16.16 28.35 -3.44
CA VAL A 23 -15.94 29.13 -4.66
C VAL A 23 -17.24 29.54 -5.33
N GLU A 24 -18.39 29.26 -4.70
CA GLU A 24 -19.70 29.53 -5.27
C GLU A 24 -19.83 28.97 -6.70
N PHE A 25 -19.45 27.70 -6.84
CA PHE A 25 -19.56 27.02 -8.11
C PHE A 25 -20.99 27.02 -8.59
N THR A 26 -21.20 27.52 -9.80
CA THR A 26 -22.53 27.69 -10.39
C THR A 26 -22.59 27.07 -11.78
N PRO A 27 -23.14 25.86 -11.90
CA PRO A 27 -23.32 25.26 -13.23
C PRO A 27 -24.01 26.25 -14.16
N GLY A 28 -23.53 26.32 -15.39
CA GLY A 28 -24.03 27.28 -16.35
C GLY A 28 -23.21 28.55 -16.43
N LYS A 29 -22.64 29.00 -15.31
CA LYS A 29 -21.64 30.05 -15.32
C LYS A 29 -20.22 29.49 -15.22
N ASP A 30 -20.06 28.34 -14.57
CA ASP A 30 -18.77 27.77 -14.25
C ASP A 30 -18.68 26.34 -14.81
N THR A 31 -17.44 25.88 -15.00
CA THR A 31 -17.19 24.51 -15.42
C THR A 31 -16.19 23.88 -14.44
N LEU A 32 -16.42 22.62 -14.09
CA LEU A 32 -15.56 21.90 -13.16
C LEU A 32 -14.81 20.81 -13.91
N TRP A 33 -13.50 20.77 -13.73
CA TRP A 33 -12.67 19.67 -14.21
C TRP A 33 -12.30 18.80 -13.03
N LEU A 34 -12.42 17.48 -13.19
CA LEU A 34 -12.09 16.53 -12.11
C LEU A 34 -11.06 15.55 -12.63
N THR A 35 -10.01 15.33 -11.84
CA THR A 35 -8.90 14.48 -12.24
C THR A 35 -9.21 12.99 -12.12
N GLY A 36 -10.40 12.61 -11.71
CA GLY A 36 -10.73 11.19 -11.60
C GLY A 36 -10.42 10.66 -10.23
N ASP A 37 -10.54 9.33 -10.09
CA ASP A 37 -10.55 8.69 -8.79
C ASP A 37 -11.64 9.34 -7.94
N LEU A 38 -12.85 9.33 -8.52
CA LEU A 38 -14.01 9.86 -7.83
C LEU A 38 -14.40 9.00 -6.64
N VAL A 39 -14.03 7.72 -6.66
CA VAL A 39 -14.60 6.74 -5.77
C VAL A 39 -13.50 6.07 -4.97
N ALA A 40 -13.93 5.34 -3.95
CA ALA A 40 -13.13 4.50 -3.06
C ALA A 40 -12.44 5.26 -1.94
N ARG A 41 -12.31 4.55 -0.82
CA ARG A 41 -11.68 4.94 0.44
C ARG A 41 -12.52 5.92 1.25
N GLY A 42 -12.88 7.06 0.67
CA GLY A 42 -13.78 7.94 1.37
C GLY A 42 -15.14 7.30 1.48
N PRO A 43 -16.02 7.87 2.31
CA PRO A 43 -17.29 7.19 2.62
C PRO A 43 -18.40 7.41 1.62
N GLY A 44 -18.28 8.40 0.73
CA GLY A 44 -19.42 8.83 -0.05
C GLY A 44 -19.31 8.64 -1.56
N SER A 45 -18.73 7.52 -2.00
CA SER A 45 -18.61 7.29 -3.44
C SER A 45 -19.94 7.36 -4.15
N LEU A 46 -21.01 6.86 -3.51
CA LEU A 46 -22.32 6.88 -4.16
C LEU A 46 -22.78 8.31 -4.40
N ASP A 47 -22.72 9.15 -3.36
CA ASP A 47 -23.17 10.54 -3.54
C ASP A 47 -22.26 11.27 -4.51
N VAL A 48 -20.95 11.02 -4.47
CA VAL A 48 -20.06 11.66 -5.45
C VAL A 48 -20.48 11.32 -6.87
N LEU A 49 -20.68 10.03 -7.17
CA LEU A 49 -21.03 9.70 -8.55
C LEU A 49 -22.38 10.29 -8.95
N ARG A 50 -23.36 10.26 -8.05
CA ARG A 50 -24.65 10.86 -8.38
C ARG A 50 -24.50 12.34 -8.71
N TYR A 51 -23.77 13.07 -7.87
CA TYR A 51 -23.62 14.51 -8.08
C TYR A 51 -22.86 14.81 -9.37
N VAL A 52 -21.71 14.15 -9.58
CA VAL A 52 -20.90 14.46 -10.76
C VAL A 52 -21.66 14.14 -12.03
N LYS A 53 -22.36 12.99 -12.06
CA LYS A 53 -23.18 12.70 -13.23
C LYS A 53 -24.24 13.77 -13.45
N SER A 54 -24.85 14.28 -12.37
CA SER A 54 -25.90 15.28 -12.51
C SER A 54 -25.38 16.58 -13.14
N LEU A 55 -24.07 16.84 -13.05
CA LEU A 55 -23.55 18.09 -13.60
C LEU A 55 -23.54 18.14 -15.13
N GLY A 56 -23.54 17.00 -15.80
CA GLY A 56 -23.62 17.03 -17.25
C GLY A 56 -22.47 17.78 -17.89
N ASP A 57 -22.80 18.69 -18.82
CA ASP A 57 -21.78 19.47 -19.52
C ASP A 57 -21.02 20.44 -18.63
N SER A 58 -21.43 20.64 -17.39
CA SER A 58 -20.69 21.52 -16.49
C SER A 58 -19.52 20.83 -15.83
N VAL A 59 -19.28 19.56 -16.14
CA VAL A 59 -18.12 18.86 -15.60
C VAL A 59 -17.39 18.19 -16.75
N ARG A 60 -16.07 18.24 -16.68
CA ARG A 60 -15.15 17.54 -17.58
C ARG A 60 -14.33 16.60 -16.71
N LEU A 61 -14.65 15.31 -16.79
CA LEU A 61 -14.03 14.27 -15.99
C LEU A 61 -12.98 13.52 -16.82
N VAL A 62 -11.93 13.04 -16.16
CA VAL A 62 -11.12 11.95 -16.70
C VAL A 62 -11.16 10.79 -15.71
N LEU A 63 -11.12 9.57 -16.24
CA LEU A 63 -11.15 8.38 -15.39
C LEU A 63 -9.80 8.08 -14.77
N GLY A 64 -9.81 7.65 -13.50
CA GLY A 64 -8.62 7.26 -12.79
C GLY A 64 -8.58 5.76 -12.56
N ASN A 65 -7.48 5.30 -11.95
CA ASN A 65 -7.31 3.86 -11.75
C ASN A 65 -8.37 3.28 -10.81
N HIS A 66 -8.81 4.04 -9.79
CA HIS A 66 -9.83 3.51 -8.91
C HIS A 66 -11.21 3.51 -9.55
N ASP A 67 -11.48 4.44 -10.46
CA ASP A 67 -12.72 4.39 -11.23
C ASP A 67 -12.77 3.11 -12.06
N LEU A 68 -11.65 2.81 -12.73
CA LEU A 68 -11.57 1.59 -13.52
C LEU A 68 -11.68 0.35 -12.64
N HIS A 69 -11.05 0.36 -11.46
CA HIS A 69 -11.20 -0.78 -10.56
C HIS A 69 -12.64 -0.98 -10.14
N LEU A 70 -13.35 0.10 -9.81
CA LEU A 70 -14.78 -0.02 -9.48
C LEU A 70 -15.53 -0.68 -10.62
N LEU A 71 -15.25 -0.27 -11.86
CA LEU A 71 -15.95 -0.87 -12.99
C LEU A 71 -15.62 -2.35 -13.08
N ALA A 72 -14.38 -2.72 -12.78
CA ALA A 72 -14.00 -4.14 -12.80
C ALA A 72 -14.75 -4.92 -11.73
N VAL A 73 -14.92 -4.33 -10.54
CA VAL A 73 -15.66 -5.02 -9.49
C VAL A 73 -17.12 -5.18 -9.89
N PHE A 74 -17.71 -4.11 -10.41
CA PHE A 74 -19.10 -4.12 -10.86
C PHE A 74 -19.34 -5.20 -11.90
N ALA A 75 -18.39 -5.38 -12.82
CA ALA A 75 -18.52 -6.36 -13.88
C ALA A 75 -18.14 -7.76 -13.44
N GLY A 76 -17.79 -7.98 -12.17
CA GLY A 76 -17.40 -9.30 -11.72
C GLY A 76 -16.03 -9.75 -12.14
N ILE A 77 -15.21 -8.81 -12.64
CA ILE A 77 -13.85 -9.10 -13.07
C ILE A 77 -12.89 -9.13 -11.89
N SER A 78 -13.12 -8.28 -10.90
CA SER A 78 -12.17 -8.10 -9.81
C SER A 78 -12.91 -8.15 -8.49
N ARG A 79 -12.17 -8.52 -7.45
CA ARG A 79 -12.78 -8.71 -6.13
C ARG A 79 -12.86 -7.37 -5.41
N ASN A 80 -13.95 -7.20 -4.66
CA ASN A 80 -14.16 -5.98 -3.88
C ASN A 80 -13.29 -6.02 -2.62
N LYS A 81 -12.55 -4.95 -2.37
CA LYS A 81 -11.76 -4.83 -1.14
C LYS A 81 -12.54 -4.05 -0.09
N PRO A 82 -12.72 -4.59 1.12
CA PRO A 82 -13.51 -3.85 2.12
C PRO A 82 -13.03 -2.42 2.32
N LYS A 83 -11.72 -2.19 2.25
CA LYS A 83 -11.21 -0.84 2.55
C LYS A 83 -11.68 0.21 1.55
N ASP A 84 -12.12 -0.18 0.35
CA ASP A 84 -12.54 0.78 -0.66
C ASP A 84 -13.91 1.39 -0.38
N ARG A 85 -14.69 0.77 0.52
CA ARG A 85 -16.01 1.27 0.94
C ARG A 85 -16.94 1.52 -0.26
N LEU A 86 -16.96 0.56 -1.17
CA LEU A 86 -17.78 0.66 -2.38
C LEU A 86 -19.13 -0.03 -2.28
N THR A 87 -19.42 -0.72 -1.18
CA THR A 87 -20.66 -1.51 -1.18
C THR A 87 -21.93 -0.66 -1.31
N PRO A 88 -22.07 0.49 -0.65
CA PRO A 88 -23.30 1.27 -0.85
C PRO A 88 -23.53 1.64 -2.31
N LEU A 89 -22.46 2.00 -3.03
CA LEU A 89 -22.61 2.29 -4.46
C LEU A 89 -22.95 1.04 -5.25
N LEU A 90 -22.25 -0.06 -4.99
CA LEU A 90 -22.51 -1.29 -5.74
C LEU A 90 -23.92 -1.81 -5.51
N GLU A 91 -24.47 -1.58 -4.33
CA GLU A 91 -25.80 -2.06 -3.99
C GLU A 91 -26.89 -1.04 -4.24
N ALA A 92 -26.55 0.14 -4.76
CA ALA A 92 -27.54 1.16 -4.97
C ALA A 92 -28.52 0.76 -6.07
N PRO A 93 -29.77 1.18 -5.97
CA PRO A 93 -30.73 0.84 -7.04
C PRO A 93 -30.34 1.44 -8.37
N ASP A 94 -29.59 2.54 -8.38
CA ASP A 94 -29.15 3.16 -9.62
C ASP A 94 -27.70 2.81 -9.97
N ALA A 95 -27.16 1.74 -9.39
CA ALA A 95 -25.77 1.38 -9.68
C ALA A 95 -25.54 1.21 -11.18
N ASP A 96 -26.43 0.48 -11.87
CA ASP A 96 -26.25 0.27 -13.31
C ASP A 96 -26.17 1.60 -14.05
N GLU A 97 -27.11 2.51 -13.78
CA GLU A 97 -27.15 3.81 -14.44
C GLU A 97 -25.87 4.62 -14.18
N LEU A 98 -25.43 4.64 -12.91
CA LEU A 98 -24.24 5.40 -12.55
C LEU A 98 -23.00 4.82 -13.20
N LEU A 99 -22.85 3.49 -13.18
CA LEU A 99 -21.60 2.92 -13.67
C LEU A 99 -21.56 2.83 -15.19
N ASN A 100 -22.71 2.65 -15.84
CA ASN A 100 -22.72 2.74 -17.30
C ASN A 100 -22.42 4.15 -17.77
N TRP A 101 -22.81 5.17 -16.99
CA TRP A 101 -22.35 6.51 -17.29
C TRP A 101 -20.83 6.62 -17.07
N LEU A 102 -20.34 6.10 -15.94
CA LEU A 102 -18.93 6.29 -15.60
C LEU A 102 -18.02 5.69 -16.66
N ARG A 103 -18.37 4.51 -17.17
CA ARG A 103 -17.46 3.89 -18.14
C ARG A 103 -17.44 4.61 -19.47
N ARG A 104 -18.40 5.50 -19.75
CA ARG A 104 -18.39 6.27 -20.98
CA ARG A 104 -18.41 6.28 -20.97
C ARG A 104 -17.62 7.58 -20.86
N GLN A 105 -17.00 7.84 -19.73
CA GLN A 105 -16.34 9.13 -19.59
C GLN A 105 -14.92 9.08 -20.14
N PRO A 106 -14.32 10.23 -20.46
CA PRO A 106 -13.04 10.23 -21.16
C PRO A 106 -11.88 9.86 -20.26
N LEU A 107 -10.76 9.52 -20.90
CA LEU A 107 -9.48 9.43 -20.22
C LEU A 107 -8.65 10.69 -20.34
N LEU A 108 -9.06 11.60 -21.21
CA LEU A 108 -8.25 12.75 -21.58
C LEU A 108 -9.19 13.89 -21.91
N GLN A 109 -8.90 15.07 -21.38
CA GLN A 109 -9.65 16.28 -21.69
C GLN A 109 -8.70 17.32 -22.23
N ILE A 110 -9.09 18.01 -23.29
CA ILE A 110 -8.25 19.05 -23.91
C ILE A 110 -9.10 20.28 -24.16
N ASP A 111 -8.59 21.44 -23.73
CA ASP A 111 -9.19 22.74 -24.02
C ASP A 111 -8.14 23.57 -24.76
N GLU A 112 -8.37 23.78 -26.06
CA GLU A 112 -7.38 24.48 -26.87
C GLU A 112 -7.28 25.96 -26.56
N GLU A 113 -8.39 26.60 -26.20
CA GLU A 113 -8.31 28.03 -25.88
C GLU A 113 -7.51 28.27 -24.60
N LYS A 114 -7.58 27.33 -23.66
CA LYS A 114 -6.79 27.43 -22.45
C LYS A 114 -5.43 26.78 -22.60
N LYS A 115 -5.17 26.14 -23.74
CA LYS A 115 -3.97 25.33 -23.93
C LYS A 115 -3.75 24.45 -22.71
N LEU A 116 -4.79 23.67 -22.39
CA LEU A 116 -4.85 22.92 -21.15
C LEU A 116 -5.22 21.48 -21.45
N VAL A 117 -4.45 20.54 -20.90
CA VAL A 117 -4.67 19.12 -21.04
C VAL A 117 -4.84 18.53 -19.65
N MET A 118 -5.80 17.60 -19.50
CA MET A 118 -5.93 16.89 -18.24
C MET A 118 -6.05 15.39 -18.46
N ALA A 119 -5.31 14.63 -17.65
CA ALA A 119 -5.47 13.18 -17.57
C ALA A 119 -5.20 12.79 -16.12
N HIS A 120 -5.61 11.58 -15.75
CA HIS A 120 -5.54 11.23 -14.33
C HIS A 120 -4.10 11.30 -13.82
N ALA A 121 -3.18 10.64 -14.52
CA ALA A 121 -1.79 10.57 -14.08
C ALA A 121 -0.89 11.55 -14.79
N GLY A 122 -1.37 12.17 -15.86
CA GLY A 122 -0.53 13.06 -16.65
C GLY A 122 -0.38 12.54 -18.05
N ILE A 123 0.62 13.04 -18.78
CA ILE A 123 0.86 12.64 -20.15
C ILE A 123 2.30 12.15 -20.23
N THR A 124 2.50 10.88 -20.57
CA THR A 124 3.85 10.36 -20.65
C THR A 124 4.66 11.17 -21.65
N PRO A 125 5.93 11.47 -21.36
CA PRO A 125 6.76 12.18 -22.34
C PRO A 125 6.97 11.43 -23.64
N GLN A 126 6.62 10.14 -23.71
CA GLN A 126 6.75 9.41 -24.97
C GLN A 126 5.60 9.68 -25.93
N TRP A 127 4.60 10.45 -25.53
CA TRP A 127 3.44 10.75 -26.36
C TRP A 127 3.46 12.20 -26.82
N ASP A 128 3.20 12.40 -28.10
CA ASP A 128 2.80 13.71 -28.60
C ASP A 128 1.28 13.80 -28.47
N LEU A 129 0.70 14.96 -28.81
CA LEU A 129 -0.72 15.16 -28.54
C LEU A 129 -1.58 14.25 -29.40
N GLN A 130 -1.23 14.10 -30.69
CA GLN A 130 -2.05 13.27 -31.55
C GLN A 130 -2.06 11.82 -31.06
N THR A 131 -0.92 11.33 -30.56
CA THR A 131 -0.90 9.97 -30.05
C THR A 131 -1.69 9.85 -28.77
N ALA A 132 -1.56 10.81 -27.85
CA ALA A 132 -2.37 10.78 -26.65
C ALA A 132 -3.86 10.72 -27.01
N LYS A 133 -4.27 11.53 -28.00
CA LYS A 133 -5.68 11.57 -28.38
C LYS A 133 -6.12 10.23 -28.95
N GLU A 134 -5.32 9.65 -29.83
CA GLU A 134 -5.67 8.37 -30.43
C GLU A 134 -5.75 7.27 -29.39
N CYS A 135 -4.79 7.23 -28.46
CA CYS A 135 -4.81 6.20 -27.41
C CYS A 135 -6.02 6.37 -26.49
N ALA A 136 -6.30 7.61 -26.09
CA ALA A 136 -7.51 7.85 -25.29
C ALA A 136 -8.74 7.37 -26.03
N ARG A 137 -8.84 7.70 -27.32
CA ARG A 137 -10.02 7.28 -28.08
C ARG A 137 -10.14 5.76 -28.13
N ASP A 138 -9.01 5.06 -28.31
CA ASP A 138 -9.05 3.60 -28.41
C ASP A 138 -9.54 2.96 -27.11
N VAL A 139 -9.02 3.43 -25.98
CA VAL A 139 -9.44 2.80 -24.74
C VAL A 139 -10.86 3.24 -24.36
N GLU A 140 -11.22 4.50 -24.64
CA GLU A 140 -12.60 4.91 -24.39
C GLU A 140 -13.57 4.09 -25.22
N ALA A 141 -13.17 3.72 -26.44
CA ALA A 141 -14.04 2.90 -27.27
C ALA A 141 -14.25 1.54 -26.64
N VAL A 142 -13.19 0.91 -26.12
CA VAL A 142 -13.43 -0.40 -25.51
C VAL A 142 -14.28 -0.25 -24.24
N LEU A 143 -14.04 0.82 -23.46
CA LEU A 143 -14.79 0.99 -22.21
C LEU A 143 -16.26 1.26 -22.45
N SER A 144 -16.59 1.94 -23.55
CA SER A 144 -17.96 2.28 -23.86
CA SER A 144 -17.97 2.28 -23.83
C SER A 144 -18.70 1.18 -24.59
N SER A 145 -18.01 0.08 -24.91
CA SER A 145 -18.60 -1.00 -25.69
C SER A 145 -19.28 -2.03 -24.78
N ASP A 146 -20.17 -2.82 -25.40
CA ASP A 146 -20.84 -3.88 -24.64
C ASP A 146 -19.87 -4.90 -24.08
N SER A 147 -18.67 -5.01 -24.65
CA SER A 147 -17.69 -5.99 -24.26
C SER A 147 -16.65 -5.45 -23.29
N TYR A 148 -16.98 -4.37 -22.59
CA TYR A 148 -15.97 -3.76 -21.72
C TYR A 148 -15.46 -4.67 -20.60
N PRO A 149 -16.18 -5.68 -20.09
CA PRO A 149 -15.56 -6.52 -19.05
C PRO A 149 -14.32 -7.26 -19.55
N PHE A 150 -14.30 -7.64 -20.84
CA PHE A 150 -13.10 -8.26 -21.40
C PHE A 150 -11.91 -7.31 -21.37
N PHE A 151 -12.12 -6.04 -21.74
CA PHE A 151 -11.02 -5.09 -21.64
C PHE A 151 -10.59 -4.89 -20.19
N LEU A 152 -11.55 -4.73 -19.27
CA LEU A 152 -11.17 -4.51 -17.88
C LEU A 152 -10.30 -5.65 -17.39
N ASP A 153 -10.65 -6.88 -17.76
CA ASP A 153 -9.84 -8.02 -17.35
C ASP A 153 -8.45 -7.95 -17.98
N ALA A 154 -8.39 -7.53 -19.22
CA ALA A 154 -7.11 -7.50 -19.92
C ALA A 154 -6.22 -6.34 -19.47
N MET A 155 -6.79 -5.28 -18.88
CA MET A 155 -6.01 -4.09 -18.55
C MET A 155 -4.97 -4.37 -17.48
N TYR A 156 -5.21 -5.33 -16.59
CA TYR A 156 -4.28 -5.56 -15.49
C TYR A 156 -2.96 -6.08 -16.02
N GLY A 157 -1.88 -5.52 -15.50
CA GLY A 157 -0.53 -5.87 -15.90
C GLY A 157 0.38 -4.65 -15.87
N ASP A 158 1.67 -4.89 -15.72
CA ASP A 158 2.66 -3.82 -15.64
C ASP A 158 3.50 -3.69 -16.89
N MET A 159 3.31 -4.54 -17.89
CA MET A 159 4.09 -4.48 -19.11
C MET A 159 3.18 -4.49 -20.34
N PRO A 160 3.64 -3.95 -21.47
CA PRO A 160 4.93 -3.30 -21.70
C PRO A 160 4.93 -1.92 -21.06
N ASN A 161 6.11 -1.38 -20.79
CA ASN A 161 6.24 -0.08 -20.13
C ASN A 161 6.93 0.93 -21.03
N ASN A 162 7.09 0.62 -22.31
CA ASN A 162 7.74 1.49 -23.26
C ASN A 162 6.82 1.65 -24.46
N TRP A 163 6.49 2.89 -24.80
CA TRP A 163 5.61 3.13 -25.94
C TRP A 163 6.33 2.91 -27.26
N SER A 164 5.59 2.36 -28.23
CA SER A 164 5.96 2.27 -29.62
C SER A 164 4.68 2.32 -30.45
N PRO A 165 4.65 3.04 -31.57
CA PRO A 165 3.50 2.94 -32.47
C PRO A 165 3.27 1.54 -33.00
N GLU A 166 4.28 0.67 -32.91
CA GLU A 166 4.15 -0.70 -33.36
C GLU A 166 3.45 -1.60 -32.36
N LEU A 167 3.20 -1.13 -31.14
CA LEU A 167 2.47 -1.93 -30.17
C LEU A 167 1.10 -2.30 -30.69
N ARG A 168 0.67 -3.51 -30.40
CA ARG A 168 -0.61 -4.01 -30.85
C ARG A 168 -1.29 -4.77 -29.73
N GLY A 169 -2.61 -4.90 -29.82
CA GLY A 169 -3.31 -5.84 -28.97
C GLY A 169 -3.26 -5.52 -27.49
N LEU A 170 -3.20 -6.60 -26.69
CA LEU A 170 -3.29 -6.48 -25.24
C LEU A 170 -2.23 -5.55 -24.70
N GLY A 171 -0.99 -5.68 -25.18
CA GLY A 171 0.08 -4.84 -24.69
C GLY A 171 -0.14 -3.36 -24.97
N ARG A 172 -0.66 -3.06 -26.15
CA ARG A 172 -1.00 -1.68 -26.48
C ARG A 172 -2.02 -1.13 -25.48
N LEU A 173 -3.12 -1.86 -25.25
CA LEU A 173 -4.13 -1.37 -24.31
C LEU A 173 -3.60 -1.24 -22.89
N ARG A 174 -2.80 -2.22 -22.44
CA ARG A 174 -2.27 -2.15 -21.08
C ARG A 174 -1.34 -0.96 -20.91
N PHE A 175 -0.47 -0.70 -21.88
CA PHE A 175 0.40 0.47 -21.76
C PHE A 175 -0.44 1.75 -21.73
N ILE A 176 -1.40 1.87 -22.64
CA ILE A 176 -2.22 3.09 -22.65
C ILE A 176 -2.87 3.31 -21.29
N THR A 177 -3.48 2.25 -20.75
CA THR A 177 -4.17 2.35 -19.47
C THR A 177 -3.21 2.74 -18.37
N ASN A 178 -2.02 2.15 -18.35
CA ASN A 178 -1.05 2.46 -17.31
C ASN A 178 -0.53 3.89 -17.44
N ALA A 179 -0.30 4.35 -18.67
CA ALA A 179 0.21 5.70 -18.88
C ALA A 179 -0.80 6.74 -18.41
N PHE A 180 -2.09 6.53 -18.73
CA PHE A 180 -3.07 7.53 -18.34
C PHE A 180 -3.44 7.46 -16.86
N THR A 181 -3.44 6.25 -16.25
CA THR A 181 -4.02 6.14 -14.92
C THR A 181 -3.10 5.65 -13.82
N ARG A 182 -1.88 5.22 -14.13
CA ARG A 182 -0.99 4.71 -13.08
C ARG A 182 0.37 5.37 -13.04
N MET A 183 0.78 6.05 -14.12
CA MET A 183 2.12 6.62 -14.23
C MET A 183 2.47 7.55 -13.08
N ARG A 184 3.73 7.44 -12.63
CA ARG A 184 4.32 8.42 -11.75
C ARG A 184 5.75 8.67 -12.24
N PHE A 185 6.62 7.69 -12.05
CA PHE A 185 8.03 7.83 -12.39
C PHE A 185 8.36 7.25 -13.76
N CYS A 186 9.38 7.85 -14.38
CA CYS A 186 9.92 7.38 -15.63
C CYS A 186 11.41 7.09 -15.50
N PHE A 187 11.88 6.16 -16.30
CA PHE A 187 13.32 6.05 -16.54
C PHE A 187 13.74 7.18 -17.47
N PRO A 188 15.04 7.46 -17.56
CA PRO A 188 15.48 8.58 -18.41
C PRO A 188 14.96 8.52 -19.84
N ASN A 189 14.77 7.32 -20.40
CA ASN A 189 14.25 7.21 -21.76
C ASN A 189 12.73 7.38 -21.84
N GLY A 190 12.06 7.69 -20.73
CA GLY A 190 10.61 7.84 -20.73
C GLY A 190 9.85 6.59 -20.32
N GLN A 191 10.52 5.46 -20.16
CA GLN A 191 9.86 4.21 -19.83
C GLN A 191 9.18 4.30 -18.47
N LEU A 192 7.98 3.72 -18.37
CA LEU A 192 7.23 3.78 -17.13
C LEU A 192 7.81 2.83 -16.09
N ASP A 193 7.92 3.31 -14.85
CA ASP A 193 8.12 2.46 -13.69
C ASP A 193 6.77 2.27 -12.99
N MET A 194 6.38 1.02 -12.77
CA MET A 194 5.06 0.73 -12.21
CA MET A 194 5.07 0.73 -12.21
C MET A 194 5.09 0.38 -10.72
N TYR A 195 6.23 0.58 -10.04
CA TYR A 195 6.34 0.15 -8.65
C TYR A 195 6.49 1.28 -7.64
N SER A 196 7.29 2.29 -7.93
CA SER A 196 7.54 3.35 -6.96
C SER A 196 6.38 4.32 -6.91
N LYS A 197 5.89 4.58 -5.70
CA LYS A 197 4.75 5.45 -5.48
C LYS A 197 5.13 6.56 -4.51
N GLU A 198 6.42 6.74 -4.26
CA GLU A 198 6.91 7.67 -3.25
C GLU A 198 6.96 9.07 -3.81
N SER A 199 7.37 10.02 -2.97
CA SER A 199 7.63 11.36 -3.41
C SER A 199 8.90 11.38 -4.26
N PRO A 200 9.06 12.39 -5.11
CA PRO A 200 10.27 12.44 -5.95
C PRO A 200 11.56 12.39 -5.15
N GLU A 201 11.60 13.03 -3.98
CA GLU A 201 12.82 13.05 -3.17
C GLU A 201 13.14 11.66 -2.62
N GLU A 202 12.13 10.83 -2.40
CA GLU A 202 12.27 9.52 -1.79
C GLU A 202 12.48 8.42 -2.81
N ALA A 203 12.45 8.75 -4.10
CA ALA A 203 12.53 7.72 -5.13
C ALA A 203 13.98 7.32 -5.39
N PRO A 204 14.20 6.07 -5.80
CA PRO A 204 15.55 5.63 -6.16
C PRO A 204 15.97 6.10 -7.54
N ALA A 205 17.23 6.46 -7.67
CA ALA A 205 17.81 6.75 -8.98
C ALA A 205 17.71 5.51 -9.89
N PRO A 206 17.62 5.70 -11.20
CA PRO A 206 17.60 6.95 -11.97
C PRO A 206 16.18 7.44 -12.23
N LEU A 207 15.24 7.12 -11.34
CA LEU A 207 13.84 7.47 -11.59
C LEU A 207 13.63 8.98 -11.46
N LYS A 208 12.86 9.54 -12.38
CA LYS A 208 12.45 10.94 -12.32
C LYS A 208 10.96 11.04 -12.56
N PRO A 209 10.30 12.06 -12.01
CA PRO A 209 8.87 12.23 -12.32
C PRO A 209 8.68 12.36 -13.81
N TRP A 210 7.54 11.83 -14.29
CA TRP A 210 7.24 11.92 -15.71
C TRP A 210 7.31 13.36 -16.20
N PHE A 211 6.93 14.32 -15.34
CA PHE A 211 6.91 15.71 -15.77
C PHE A 211 8.28 16.37 -15.78
N ALA A 212 9.31 15.69 -15.28
CA ALA A 212 10.68 16.18 -15.30
C ALA A 212 11.41 15.80 -16.58
N ILE A 213 10.78 15.03 -17.45
CA ILE A 213 11.31 14.66 -18.75
C ILE A 213 10.58 15.48 -19.80
N PRO A 214 11.26 16.36 -20.53
CA PRO A 214 10.56 17.20 -21.51
C PRO A 214 9.87 16.34 -22.55
N GLY A 215 8.60 16.63 -22.81
CA GLY A 215 7.83 15.92 -23.79
C GLY A 215 7.04 16.89 -24.62
N PRO A 216 6.62 16.48 -25.82
CA PRO A 216 6.03 17.45 -26.75
C PRO A 216 4.71 18.01 -26.26
N VAL A 217 3.91 17.26 -25.50
CA VAL A 217 2.66 17.82 -25.02
C VAL A 217 2.94 18.91 -23.98
N ALA A 218 3.82 18.60 -23.03
CA ALA A 218 4.11 19.55 -21.96
C ALA A 218 4.80 20.81 -22.46
N GLU A 219 5.48 20.73 -23.61
CA GLU A 219 6.13 21.91 -24.16
C GLU A 219 5.15 22.93 -24.72
N GLU A 220 3.96 22.48 -25.12
CA GLU A 220 2.96 23.35 -25.73
C GLU A 220 1.74 23.59 -24.85
N TYR A 221 1.41 22.66 -23.96
CA TYR A 221 0.20 22.72 -23.16
C TYR A 221 0.53 22.71 -21.68
N SER A 222 -0.33 23.34 -20.89
CA SER A 222 -0.35 23.06 -19.46
C SER A 222 -0.97 21.69 -19.25
N ILE A 223 -0.50 20.98 -18.23
CA ILE A 223 -1.08 19.67 -17.88
C ILE A 223 -1.53 19.70 -16.44
N ALA A 224 -2.80 19.37 -16.21
CA ALA A 224 -3.33 19.17 -14.88
C ALA A 224 -3.57 17.69 -14.68
N PHE A 225 -3.30 17.19 -13.48
CA PHE A 225 -3.47 15.77 -13.22
C PHE A 225 -3.69 15.59 -11.73
N GLY A 226 -4.05 14.37 -11.34
CA GLY A 226 -4.23 14.09 -9.93
C GLY A 226 -3.36 12.91 -9.55
N HIS A 227 -3.97 11.85 -9.02
CA HIS A 227 -3.35 10.53 -8.86
C HIS A 227 -2.22 10.40 -7.84
N TRP A 228 -1.18 11.22 -7.96
CA TRP A 228 0.07 11.04 -7.23
C TRP A 228 0.02 11.74 -5.87
N ALA A 229 -0.62 11.08 -4.90
CA ALA A 229 -0.87 11.74 -3.63
C ALA A 229 0.43 12.05 -2.88
N SER A 230 1.44 11.19 -2.98
CA SER A 230 2.67 11.42 -2.23
C SER A 230 3.43 12.62 -2.75
N LEU A 231 3.08 13.11 -3.94
CA LEU A 231 3.66 14.36 -4.44
C LEU A 231 3.15 15.54 -3.64
N GLU A 232 1.96 15.43 -3.07
CA GLU A 232 1.34 16.47 -2.24
C GLU A 232 1.15 17.77 -3.01
N GLY A 233 1.02 17.68 -4.34
CA GLY A 233 0.83 18.86 -5.17
C GLY A 233 2.04 19.76 -5.29
N LYS A 234 3.21 19.35 -4.82
CA LYS A 234 4.39 20.21 -4.80
C LYS A 234 5.45 19.73 -5.77
N GLY A 235 6.44 20.58 -6.01
CA GLY A 235 7.60 20.19 -6.78
C GLY A 235 7.40 20.07 -8.27
N THR A 236 6.38 20.74 -8.82
CA THR A 236 6.16 20.62 -10.26
C THR A 236 6.69 21.84 -11.00
N PRO A 237 7.07 21.67 -12.27
CA PRO A 237 7.55 22.81 -13.07
C PRO A 237 6.41 23.75 -13.43
N GLU A 238 6.77 24.88 -14.01
CA GLU A 238 5.74 25.79 -14.53
C GLU A 238 4.90 25.08 -15.57
N GLY A 239 3.58 25.27 -15.50
CA GLY A 239 2.69 24.65 -16.45
C GLY A 239 2.24 23.24 -16.11
N ILE A 240 2.67 22.69 -14.99
CA ILE A 240 2.30 21.36 -14.53
C ILE A 240 1.56 21.54 -13.22
N TYR A 241 0.32 21.05 -13.14
CA TYR A 241 -0.54 21.25 -11.98
C TYR A 241 -0.91 19.91 -11.36
N ALA A 242 -0.28 19.58 -10.24
CA ALA A 242 -0.56 18.34 -9.52
C ALA A 242 -1.64 18.65 -8.47
N LEU A 243 -2.88 18.25 -8.76
CA LEU A 243 -4.01 18.66 -7.94
C LEU A 243 -4.37 17.68 -6.83
N ASP A 244 -3.78 16.48 -6.78
CA ASP A 244 -4.13 15.50 -5.75
C ASP A 244 -3.34 15.77 -4.48
N THR A 245 -3.99 16.40 -3.50
CA THR A 245 -3.37 16.67 -2.21
C THR A 245 -3.89 15.72 -1.12
N GLY A 246 -4.42 14.58 -1.51
CA GLY A 246 -4.66 13.49 -0.57
C GLY A 246 -5.84 13.63 0.35
N CYS A 247 -6.97 14.10 -0.16
CA CYS A 247 -8.11 14.34 0.73
C CYS A 247 -8.50 13.08 1.49
N CYS A 248 -8.63 11.95 0.77
CA CYS A 248 -9.08 10.75 1.44
C CYS A 248 -8.07 10.23 2.44
N TRP A 249 -6.82 10.67 2.33
CA TRP A 249 -5.74 10.24 3.21
C TRP A 249 -5.61 11.10 4.45
N GLY A 250 -6.52 12.05 4.65
CA GLY A 250 -6.39 13.01 5.72
C GLY A 250 -5.65 14.26 5.32
N GLY A 251 -5.37 14.44 4.04
CA GLY A 251 -4.74 15.65 3.58
C GLY A 251 -5.80 16.69 3.29
N THR A 252 -5.84 17.18 2.06
CA THR A 252 -6.78 18.22 1.69
C THR A 252 -7.34 17.95 0.30
N LEU A 253 -8.49 18.54 0.02
CA LEU A 253 -9.03 18.62 -1.33
C LEU A 253 -8.67 19.99 -1.91
N THR A 254 -8.05 19.99 -3.08
CA THR A 254 -7.57 21.22 -3.70
C THR A 254 -8.38 21.57 -4.93
N CYS A 255 -8.71 22.86 -5.07
CA CYS A 255 -9.42 23.42 -6.20
C CYS A 255 -8.61 24.58 -6.77
N LEU A 256 -8.35 24.54 -8.06
CA LEU A 256 -7.62 25.58 -8.75
C LEU A 256 -8.58 26.30 -9.68
N ARG A 257 -8.68 27.63 -9.55
CA ARG A 257 -9.41 28.42 -10.53
C ARG A 257 -8.47 28.83 -11.65
N TRP A 258 -8.82 28.47 -12.89
CA TRP A 258 -7.88 28.62 -14.00
C TRP A 258 -7.64 30.07 -14.36
N GLU A 259 -8.67 30.91 -14.27
CA GLU A 259 -8.54 32.26 -14.83
C GLU A 259 -7.46 33.05 -14.11
N ASP A 260 -7.35 32.88 -12.79
CA ASP A 260 -6.35 33.60 -12.02
C ASP A 260 -5.37 32.68 -11.32
N LYS A 261 -5.41 31.39 -11.62
CA LYS A 261 -4.55 30.40 -10.98
C LYS A 261 -4.63 30.52 -9.46
N GLN A 262 -5.84 30.71 -8.95
CA GLN A 262 -5.99 30.89 -7.51
C GLN A 262 -6.41 29.57 -6.90
N TYR A 263 -5.74 29.17 -5.82
CA TYR A 263 -6.05 27.91 -5.15
C TYR A 263 -7.00 28.11 -3.97
N PHE A 264 -7.90 27.15 -3.79
CA PHE A 264 -8.82 27.07 -2.66
C PHE A 264 -8.70 25.66 -2.10
N VAL A 265 -8.69 25.53 -0.78
CA VAL A 265 -8.38 24.26 -0.15
C VAL A 265 -9.46 23.92 0.86
N GLN A 266 -9.89 22.65 0.88
CA GLN A 266 -10.85 22.15 1.86
C GLN A 266 -10.14 21.11 2.70
N PRO A 267 -10.02 21.31 4.02
CA PRO A 267 -9.39 20.29 4.85
C PRO A 267 -10.21 19.00 4.85
N SER A 268 -9.50 17.87 4.97
CA SER A 268 -10.17 16.59 5.13
C SER A 268 -10.96 16.59 6.45
N ASN A 269 -12.16 15.99 6.42
CA ASN A 269 -12.93 15.79 7.66
C ASN A 269 -12.48 14.58 8.46
N ARG A 270 -11.67 13.72 7.88
CA ARG A 270 -11.22 12.51 8.53
C ARG A 270 -10.28 12.82 9.70
N ALA B 2 15.29 -15.56 33.32
CA ALA B 2 13.98 -14.97 33.04
C ALA B 2 13.76 -14.92 31.55
N THR B 3 12.50 -14.80 31.15
CA THR B 3 12.09 -14.78 29.74
C THR B 3 11.42 -13.46 29.43
N TYR B 4 11.94 -12.73 28.44
CA TYR B 4 11.39 -11.44 28.06
C TYR B 4 10.94 -11.52 26.61
N LEU B 5 9.79 -10.92 26.32
CA LEU B 5 9.25 -10.83 24.97
C LEU B 5 9.09 -9.35 24.63
N ILE B 6 9.68 -8.93 23.52
CA ILE B 6 9.62 -7.53 23.11
C ILE B 6 9.04 -7.45 21.70
N GLY B 7 8.17 -6.46 21.48
CA GLY B 7 7.55 -6.25 20.18
C GLY B 7 8.49 -5.54 19.20
N ASP B 8 7.89 -5.04 18.11
CA ASP B 8 8.68 -4.56 16.97
C ASP B 8 9.64 -3.45 17.40
N VAL B 9 10.92 -3.67 17.14
CA VAL B 9 11.97 -2.72 17.53
C VAL B 9 12.16 -1.62 16.50
N HIS B 10 12.06 -1.97 15.23
CA HIS B 10 12.12 -1.02 14.10
C HIS B 10 13.29 -0.04 14.25
N GLY B 11 14.48 -0.57 14.48
CA GLY B 11 15.66 0.28 14.55
C GLY B 11 15.73 1.16 15.77
N CYS B 12 14.85 0.96 16.77
CA CYS B 12 14.89 1.78 17.99
C CYS B 12 15.86 1.16 18.98
N TYR B 13 17.15 1.27 18.62
CA TYR B 13 18.22 0.65 19.40
C TYR B 13 18.28 1.21 20.82
N ASP B 14 18.32 2.55 20.95
CA ASP B 14 18.45 3.15 22.28
C ASP B 14 17.32 2.70 23.19
N GLU B 15 16.09 2.66 22.68
CA GLU B 15 14.96 2.24 23.49
C GLU B 15 15.06 0.78 23.88
N LEU B 16 15.52 -0.08 22.95
CA LEU B 16 15.69 -1.49 23.25
C LEU B 16 16.70 -1.69 24.36
N ILE B 17 17.85 -1.04 24.27
CA ILE B 17 18.86 -1.20 25.31
C ILE B 17 18.38 -0.65 26.64
N ALA B 18 17.68 0.49 26.62
CA ALA B 18 17.17 1.05 27.87
C ALA B 18 16.18 0.10 28.52
N LEU B 19 15.29 -0.49 27.73
CA LEU B 19 14.32 -1.42 28.28
C LEU B 19 15.01 -2.67 28.82
N LEU B 20 16.00 -3.20 28.09
CA LEU B 20 16.72 -4.38 28.58
C LEU B 20 17.50 -4.07 29.84
N HIS B 21 18.09 -2.87 29.95
CA HIS B 21 18.78 -2.52 31.19
C HIS B 21 17.79 -2.37 32.35
N LYS B 22 16.59 -1.87 32.07
CA LYS B 22 15.57 -1.74 33.12
C LYS B 22 15.27 -3.08 33.76
N VAL B 23 15.21 -4.16 32.96
CA VAL B 23 14.91 -5.48 33.50
C VAL B 23 16.18 -6.26 33.80
N GLU B 24 17.35 -5.62 33.67
CA GLU B 24 18.64 -6.26 33.92
C GLU B 24 18.78 -7.55 33.12
N PHE B 25 18.49 -7.46 31.82
CA PHE B 25 18.63 -8.60 30.94
C PHE B 25 20.06 -9.10 30.92
N THR B 26 20.23 -10.40 31.16
CA THR B 26 21.56 -11.01 31.28
C THR B 26 21.66 -12.24 30.38
N PRO B 27 22.29 -12.11 29.21
CA PRO B 27 22.48 -13.27 28.34
C PRO B 27 23.13 -14.43 29.08
N GLY B 28 22.64 -15.64 28.83
CA GLY B 28 23.08 -16.82 29.54
C GLY B 28 22.20 -17.17 30.72
N LYS B 29 21.64 -16.19 31.40
CA LYS B 29 20.61 -16.40 32.41
C LYS B 29 19.21 -16.13 31.88
N ASP B 30 19.07 -15.22 30.93
CA ASP B 30 17.77 -14.80 30.43
C ASP B 30 17.69 -15.07 28.93
N THR B 31 16.47 -15.18 28.43
CA THR B 31 16.23 -15.35 27.01
C THR B 31 15.32 -14.23 26.55
N LEU B 32 15.62 -13.66 25.39
CA LEU B 32 14.81 -12.58 24.84
C LEU B 32 14.12 -13.10 23.59
N TRP B 33 12.80 -12.94 23.52
CA TRP B 33 12.03 -13.22 22.32
C TRP B 33 11.70 -11.90 21.65
N LEU B 34 11.90 -11.82 20.34
CA LEU B 34 11.60 -10.61 19.58
C LEU B 34 10.63 -10.93 18.45
N THR B 35 9.60 -10.10 18.32
CA THR B 35 8.55 -10.36 17.33
C THR B 35 8.95 -10.02 15.90
N GLY B 36 10.16 -9.55 15.66
CA GLY B 36 10.55 -9.20 14.29
C GLY B 36 10.30 -7.75 13.99
N ASP B 37 10.50 -7.40 12.72
CA ASP B 37 10.56 -6.00 12.31
C ASP B 37 11.61 -5.28 13.14
N LEU B 38 12.81 -5.86 13.13
CA LEU B 38 13.96 -5.32 13.84
C LEU B 38 14.43 -4.01 13.23
N VAL B 39 14.10 -3.78 11.96
CA VAL B 39 14.74 -2.75 11.16
C VAL B 39 13.69 -1.82 10.58
N ALA B 40 14.17 -0.70 10.03
CA ALA B 40 13.41 0.33 9.31
C ALA B 40 12.70 1.30 10.25
N ARG B 41 12.54 2.53 9.75
CA ARG B 41 11.88 3.67 10.38
C ARG B 41 12.67 4.29 11.52
N GLY B 42 13.02 3.50 12.52
CA GLY B 42 13.90 4.03 13.55
C GLY B 42 15.29 4.24 13.00
N PRO B 43 16.13 4.95 13.75
CA PRO B 43 17.43 5.36 13.21
C PRO B 43 18.53 4.32 13.32
N GLY B 44 18.35 3.26 14.11
CA GLY B 44 19.47 2.38 14.44
C GLY B 44 19.37 0.93 14.00
N SER B 45 18.84 0.67 12.79
CA SER B 45 18.74 -0.72 12.32
C SER B 45 20.09 -1.44 12.36
N LEU B 46 21.18 -0.74 12.03
CA LEU B 46 22.48 -1.40 12.03
C LEU B 46 22.86 -1.85 13.44
N ASP B 47 22.71 -0.97 14.42
CA ASP B 47 23.07 -1.34 15.79
C ASP B 47 22.16 -2.45 16.31
N VAL B 48 20.87 -2.39 15.98
CA VAL B 48 19.94 -3.45 16.39
C VAL B 48 20.38 -4.79 15.85
N LEU B 49 20.65 -4.88 14.53
CA LEU B 49 21.06 -6.19 14.01
C LEU B 49 22.39 -6.65 14.60
N ARG B 50 23.36 -5.74 14.75
CA ARG B 50 24.61 -6.16 15.35
C ARG B 50 24.39 -6.75 16.74
N TYR B 51 23.61 -6.04 17.55
CA TYR B 51 23.41 -6.48 18.93
C TYR B 51 22.63 -7.79 19.00
N VAL B 52 21.52 -7.87 18.26
CA VAL B 52 20.68 -9.06 18.36
C VAL B 52 21.46 -10.28 17.87
N LYS B 53 22.21 -10.14 16.78
CA LYS B 53 23.06 -11.25 16.34
C LYS B 53 24.08 -11.64 17.40
N SER B 54 24.65 -10.65 18.09
CA SER B 54 25.66 -10.97 19.09
C SER B 54 25.07 -11.76 20.25
N LEU B 55 23.75 -11.68 20.45
CA LEU B 55 23.14 -12.42 21.57
C LEU B 55 23.09 -13.92 21.34
N GLY B 56 23.18 -14.38 20.09
CA GLY B 56 23.26 -15.82 19.86
C GLY B 56 22.05 -16.55 20.41
N ASP B 57 22.29 -17.62 21.15
CA ASP B 57 21.21 -18.45 21.69
C ASP B 57 20.36 -17.76 22.74
N SER B 58 20.76 -16.57 23.20
CA SER B 58 19.96 -15.86 24.18
C SER B 58 18.83 -15.08 23.55
N VAL B 59 18.66 -15.16 22.23
CA VAL B 59 17.55 -14.49 21.58
C VAL B 59 16.83 -15.51 20.68
N ARG B 60 15.51 -15.44 20.68
CA ARG B 60 14.60 -16.21 19.82
C ARG B 60 13.83 -15.20 18.98
N LEU B 61 14.23 -15.07 17.72
CA LEU B 61 13.68 -14.10 16.79
C LEU B 61 12.69 -14.77 15.84
N VAL B 62 11.67 -14.03 15.43
CA VAL B 62 10.93 -14.38 14.21
C VAL B 62 11.05 -13.21 13.23
N LEU B 63 11.09 -13.52 11.95
CA LEU B 63 11.19 -12.48 10.94
C LEU B 63 9.85 -11.81 10.66
N GLY B 64 9.89 -10.48 10.46
CA GLY B 64 8.73 -9.69 10.11
C GLY B 64 8.77 -9.21 8.65
N ASN B 65 7.71 -8.51 8.25
CA ASN B 65 7.61 -8.04 6.86
C ASN B 65 8.71 -7.04 6.51
N HIS B 66 9.12 -6.20 7.46
CA HIS B 66 10.20 -5.26 7.16
C HIS B 66 11.56 -5.92 7.12
N ASP B 67 11.75 -6.97 7.91
CA ASP B 67 12.97 -7.76 7.79
C ASP B 67 13.06 -8.38 6.40
N LEU B 68 11.96 -8.94 5.93
CA LEU B 68 11.96 -9.51 4.58
C LEU B 68 12.18 -8.44 3.52
N HIS B 69 11.57 -7.26 3.69
CA HIS B 69 11.82 -6.20 2.72
C HIS B 69 13.28 -5.79 2.70
N LEU B 70 13.90 -5.64 3.87
CA LEU B 70 15.33 -5.36 3.90
C LEU B 70 16.11 -6.41 3.12
N LEU B 71 15.76 -7.68 3.32
CA LEU B 71 16.47 -8.74 2.60
C LEU B 71 16.27 -8.61 1.10
N ALA B 72 15.05 -8.23 0.68
CA ALA B 72 14.79 -8.04 -0.74
C ALA B 72 15.62 -6.90 -1.31
N VAL B 73 15.77 -5.81 -0.57
CA VAL B 73 16.60 -4.70 -1.02
C VAL B 73 18.05 -5.13 -1.12
N PHE B 74 18.52 -5.84 -0.10
CA PHE B 74 19.89 -6.35 -0.08
C PHE B 74 20.16 -7.23 -1.30
N ALA B 75 19.20 -8.08 -1.66
CA ALA B 75 19.39 -8.97 -2.78
C ALA B 75 19.15 -8.31 -4.14
N GLY B 76 18.84 -7.03 -4.17
CA GLY B 76 18.58 -6.35 -5.43
C GLY B 76 17.23 -6.64 -6.04
N ILE B 77 16.33 -7.25 -5.28
CA ILE B 77 14.98 -7.54 -5.74
C ILE B 77 14.11 -6.28 -5.66
N SER B 78 14.32 -5.48 -4.62
CA SER B 78 13.48 -4.33 -4.34
C SER B 78 14.40 -3.13 -4.17
N ARG B 79 13.88 -1.95 -4.48
CA ARG B 79 14.72 -0.77 -4.43
C ARG B 79 14.66 -0.15 -3.04
N ASN B 80 15.80 0.39 -2.60
CA ASN B 80 15.89 0.98 -1.27
C ASN B 80 15.15 2.31 -1.24
N LYS B 81 14.27 2.49 -0.26
CA LYS B 81 13.65 3.78 -0.04
C LYS B 81 14.43 4.50 1.05
N PRO B 82 14.99 5.68 0.79
CA PRO B 82 15.81 6.35 1.81
C PRO B 82 15.10 6.57 3.13
N LYS B 83 13.80 6.85 3.10
CA LYS B 83 13.07 7.16 4.31
C LYS B 83 13.03 5.98 5.28
N ASP B 84 13.28 4.76 4.80
CA ASP B 84 13.27 3.60 5.69
C ASP B 84 14.49 3.58 6.60
N ARG B 85 15.51 4.38 6.29
CA ARG B 85 16.73 4.49 7.10
CA ARG B 85 16.72 4.48 7.11
C ARG B 85 17.48 3.17 7.17
N LEU B 86 17.46 2.42 6.08
CA LEU B 86 18.25 1.21 5.99
C LEU B 86 19.61 1.42 5.34
N THR B 87 19.88 2.61 4.81
CA THR B 87 21.12 2.77 4.06
C THR B 87 22.37 2.53 4.89
N PRO B 88 22.47 3.00 6.13
CA PRO B 88 23.70 2.69 6.90
C PRO B 88 23.96 1.22 7.04
N LEU B 89 22.90 0.44 7.29
CA LEU B 89 23.04 -1.00 7.39
C LEU B 89 23.46 -1.60 6.06
N LEU B 90 22.81 -1.19 4.97
CA LEU B 90 23.13 -1.75 3.67
C LEU B 90 24.56 -1.43 3.26
N GLU B 91 25.09 -0.29 3.69
CA GLU B 91 26.42 0.16 3.31
C GLU B 91 27.49 -0.24 4.32
N ALA B 92 27.10 -0.90 5.41
CA ALA B 92 28.05 -1.25 6.45
C ALA B 92 29.01 -2.32 5.95
N PRO B 93 30.26 -2.29 6.41
CA PRO B 93 31.21 -3.32 5.96
C PRO B 93 30.79 -4.72 6.34
N ASP B 94 29.99 -4.90 7.40
CA ASP B 94 29.55 -6.23 7.79
C ASP B 94 28.13 -6.52 7.32
N ALA B 95 27.63 -5.77 6.32
CA ALA B 95 26.28 -5.97 5.84
C ALA B 95 26.03 -7.41 5.43
N ASP B 96 26.96 -8.00 4.65
CA ASP B 96 26.80 -9.38 4.21
C ASP B 96 26.64 -10.33 5.38
N GLU B 97 27.54 -10.22 6.37
CA GLU B 97 27.47 -11.09 7.52
C GLU B 97 26.15 -10.94 8.27
N LEU B 98 25.71 -9.69 8.47
CA LEU B 98 24.49 -9.43 9.22
C LEU B 98 23.26 -9.95 8.48
N LEU B 99 23.19 -9.72 7.18
CA LEU B 99 21.97 -10.08 6.45
C LEU B 99 21.93 -11.55 6.07
N ASN B 100 23.09 -12.16 5.82
CA ASN B 100 23.08 -13.61 5.68
C ASN B 100 22.71 -14.28 6.99
N TRP B 101 23.05 -13.68 8.13
CA TRP B 101 22.50 -14.19 9.39
C TRP B 101 21.00 -13.98 9.46
N LEU B 102 20.53 -12.78 9.11
CA LEU B 102 19.11 -12.47 9.30
C LEU B 102 18.22 -13.41 8.51
N ARG B 103 18.62 -13.73 7.27
CA ARG B 103 17.75 -14.56 6.43
C ARG B 103 17.67 -16.01 6.89
N ARG B 104 18.55 -16.44 7.79
CA ARG B 104 18.47 -17.78 8.35
C ARG B 104 17.65 -17.84 9.63
N GLN B 105 17.03 -16.73 10.06
CA GLN B 105 16.29 -16.79 11.31
C GLN B 105 14.87 -17.29 11.09
N PRO B 106 14.22 -17.80 12.14
CA PRO B 106 12.94 -18.49 11.94
C PRO B 106 11.80 -17.54 11.64
N LEU B 107 10.71 -18.12 11.15
CA LEU B 107 9.43 -17.43 11.04
C LEU B 107 8.51 -17.73 12.21
N LEU B 108 8.85 -18.73 13.02
CA LEU B 108 7.96 -19.24 14.04
C LEU B 108 8.81 -19.77 15.17
N GLN B 109 8.47 -19.42 16.41
CA GLN B 109 9.14 -19.93 17.60
C GLN B 109 8.11 -20.64 18.48
N ILE B 110 8.45 -21.83 18.98
CA ILE B 110 7.55 -22.60 19.83
C ILE B 110 8.33 -23.07 21.05
N ASP B 111 7.76 -22.83 22.23
CA ASP B 111 8.30 -23.32 23.49
C ASP B 111 7.21 -24.18 24.12
N GLU B 112 7.44 -25.50 24.14
CA GLU B 112 6.43 -26.43 24.64
C GLU B 112 6.31 -26.35 26.15
N GLU B 113 7.41 -26.06 26.85
CA GLU B 113 7.34 -25.96 28.30
C GLU B 113 6.53 -24.75 28.73
N LYS B 114 6.56 -23.68 27.95
CA LYS B 114 5.76 -22.51 28.25
C LYS B 114 4.41 -22.54 27.55
N LYS B 115 4.16 -23.53 26.71
CA LYS B 115 2.99 -23.57 25.83
C LYS B 115 2.84 -22.22 25.13
N LEU B 116 3.92 -21.79 24.48
CA LEU B 116 4.01 -20.44 23.94
C LEU B 116 4.46 -20.49 22.49
N VAL B 117 3.73 -19.79 21.62
CA VAL B 117 4.03 -19.68 20.20
C VAL B 117 4.25 -18.21 19.87
N MET B 118 5.26 -17.94 19.05
CA MET B 118 5.53 -16.62 18.50
C MET B 118 5.64 -16.63 17.00
N ALA B 119 4.96 -15.68 16.35
CA ALA B 119 5.19 -15.35 14.95
C ALA B 119 4.96 -13.85 14.80
N HIS B 120 5.45 -13.27 13.69
CA HIS B 120 5.42 -11.81 13.60
C HIS B 120 3.99 -11.28 13.65
N ALA B 121 3.10 -11.84 12.82
CA ALA B 121 1.73 -11.35 12.74
C ALA B 121 0.75 -12.21 13.53
N GLY B 122 1.16 -13.38 14.02
CA GLY B 122 0.23 -14.25 14.72
C GLY B 122 0.09 -15.56 13.99
N ILE B 123 -0.96 -16.33 14.30
CA ILE B 123 -1.20 -17.62 13.64
C ILE B 123 -2.59 -17.57 13.04
N THR B 124 -2.68 -17.69 11.70
CA THR B 124 -3.99 -17.65 11.09
C THR B 124 -4.87 -18.76 11.67
N PRO B 125 -6.16 -18.47 11.92
CA PRO B 125 -7.05 -19.52 12.43
C PRO B 125 -7.22 -20.68 11.45
N GLN B 126 -6.79 -20.53 10.20
CA GLN B 126 -6.88 -21.63 9.25
C GLN B 126 -5.76 -22.66 9.43
N TRP B 127 -4.81 -22.42 10.32
CA TRP B 127 -3.68 -23.31 10.54
C TRP B 127 -3.77 -23.99 11.90
N ASP B 128 -3.54 -25.29 11.93
CA ASP B 128 -3.23 -25.95 13.18
C ASP B 128 -1.71 -25.88 13.40
N LEU B 129 -1.23 -26.40 14.54
CA LEU B 129 0.18 -26.21 14.84
C LEU B 129 1.07 -26.96 13.87
N GLN B 130 0.71 -28.19 13.52
CA GLN B 130 1.54 -28.96 12.61
C GLN B 130 1.68 -28.26 11.27
N THR B 131 0.58 -27.67 10.78
CA THR B 131 0.64 -26.97 9.50
C THR B 131 1.47 -25.69 9.63
N ALA B 132 1.27 -24.92 10.70
CA ALA B 132 2.12 -23.74 10.88
C ALA B 132 3.59 -24.13 10.87
N LYS B 133 3.92 -25.24 11.54
CA LYS B 133 5.32 -25.65 11.62
C LYS B 133 5.86 -26.02 10.25
N GLU B 134 5.10 -26.80 9.49
CA GLU B 134 5.55 -27.21 8.17
C GLU B 134 5.73 -26.01 7.25
N CYS B 135 4.79 -25.06 7.32
CA CYS B 135 4.89 -23.87 6.48
C CYS B 135 6.10 -23.02 6.85
N ALA B 136 6.31 -22.81 8.16
CA ALA B 136 7.51 -22.08 8.58
C ALA B 136 8.77 -22.78 8.08
N ARG B 137 8.86 -24.11 8.23
CA ARG B 137 10.05 -24.81 7.78
C ARG B 137 10.27 -24.62 6.29
N ASP B 138 9.20 -24.69 5.50
CA ASP B 138 9.34 -24.58 4.05
C ASP B 138 9.87 -23.20 3.67
N VAL B 139 9.33 -22.15 4.27
CA VAL B 139 9.78 -20.82 3.87
C VAL B 139 11.17 -20.53 4.44
N GLU B 140 11.44 -20.99 5.66
CA GLU B 140 12.79 -20.82 6.21
C GLU B 140 13.82 -21.52 5.33
N ALA B 141 13.44 -22.67 4.75
CA ALA B 141 14.36 -23.38 3.87
C ALA B 141 14.67 -22.57 2.62
N VAL B 142 13.66 -21.96 1.99
CA VAL B 142 13.99 -21.16 0.81
C VAL B 142 14.78 -19.91 1.19
N LEU B 143 14.48 -19.30 2.35
CA LEU B 143 15.21 -18.09 2.74
C LEU B 143 16.67 -18.38 3.06
N SER B 144 16.96 -19.58 3.58
CA SER B 144 18.30 -19.99 3.94
CA SER B 144 18.32 -19.92 3.93
C SER B 144 19.10 -20.53 2.76
N SER B 145 18.45 -20.72 1.63
CA SER B 145 19.07 -21.33 0.45
C SER B 145 19.81 -20.29 -0.40
N ASP B 146 20.72 -20.77 -1.25
CA ASP B 146 21.40 -19.88 -2.16
C ASP B 146 20.46 -19.17 -3.10
N SER B 147 19.27 -19.71 -3.31
CA SER B 147 18.32 -19.14 -4.27
C SER B 147 17.34 -18.20 -3.61
N TYR B 148 17.66 -17.65 -2.45
CA TYR B 148 16.69 -16.81 -1.74
C TYR B 148 16.27 -15.55 -2.49
N PRO B 149 17.08 -14.91 -3.37
CA PRO B 149 16.54 -13.72 -4.06
C PRO B 149 15.35 -14.06 -4.92
N PHE B 150 15.37 -15.24 -5.54
CA PHE B 150 14.21 -15.66 -6.33
CA PHE B 150 14.22 -15.68 -6.33
C PHE B 150 12.97 -15.83 -5.46
N PHE B 151 13.13 -16.38 -4.26
CA PHE B 151 11.99 -16.48 -3.38
C PHE B 151 11.48 -15.11 -2.98
N LEU B 152 12.41 -14.22 -2.62
CA LEU B 152 12.02 -12.89 -2.18
C LEU B 152 11.23 -12.19 -3.27
N ASP B 153 11.63 -12.38 -4.53
CA ASP B 153 10.86 -11.80 -5.63
C ASP B 153 9.50 -12.48 -5.75
N ALA B 154 9.47 -13.81 -5.56
CA ALA B 154 8.23 -14.57 -5.73
C ALA B 154 7.25 -14.32 -4.59
N MET B 155 7.75 -13.90 -3.42
CA MET B 155 6.91 -13.70 -2.26
C MET B 155 5.92 -12.55 -2.42
N TYR B 156 6.21 -11.57 -3.29
CA TYR B 156 5.32 -10.42 -3.42
C TYR B 156 4.00 -10.86 -4.03
N GLY B 157 2.91 -10.41 -3.44
CA GLY B 157 1.58 -10.73 -3.90
C GLY B 157 0.58 -10.80 -2.75
N ASP B 158 -0.68 -10.56 -3.08
CA ASP B 158 -1.76 -10.54 -2.09
C ASP B 158 -2.67 -11.76 -2.19
N MET B 159 -2.47 -12.64 -3.16
CA MET B 159 -3.29 -13.84 -3.35
C MET B 159 -2.40 -15.07 -3.47
N PRO B 160 -2.91 -16.24 -3.12
CA PRO B 160 -4.24 -16.54 -2.59
C PRO B 160 -4.33 -16.12 -1.15
N ASN B 161 -5.54 -15.91 -0.66
CA ASN B 161 -5.73 -15.49 0.72
C ASN B 161 -6.51 -16.51 1.53
N ASN B 162 -6.67 -17.71 0.99
CA ASN B 162 -7.39 -18.81 1.64
C ASN B 162 -6.47 -20.01 1.69
N TRP B 163 -6.19 -20.51 2.89
CA TRP B 163 -5.31 -21.66 2.99
C TRP B 163 -6.01 -22.92 2.50
N SER B 164 -5.25 -23.78 1.82
CA SER B 164 -5.66 -25.14 1.50
C SER B 164 -4.40 -25.98 1.45
N PRO B 165 -4.41 -27.20 1.99
CA PRO B 165 -3.25 -28.10 1.80
C PRO B 165 -2.96 -28.41 0.33
N GLU B 166 -3.93 -28.21 -0.56
CA GLU B 166 -3.70 -28.42 -1.98
C GLU B 166 -2.98 -27.27 -2.67
N LEU B 167 -2.79 -26.13 -1.99
CA LEU B 167 -2.04 -25.04 -2.60
C LEU B 167 -0.66 -25.54 -2.97
N ARG B 168 -0.14 -25.08 -4.11
CA ARG B 168 1.16 -25.48 -4.61
C ARG B 168 1.90 -24.26 -5.12
N GLY B 169 3.22 -24.39 -5.19
CA GLY B 169 3.97 -23.39 -5.93
C GLY B 169 3.93 -21.99 -5.34
N LEU B 170 3.96 -21.01 -6.25
CA LEU B 170 4.08 -19.60 -5.86
C LEU B 170 2.96 -19.20 -4.91
N GLY B 171 1.74 -19.64 -5.19
CA GLY B 171 0.62 -19.24 -4.34
C GLY B 171 0.75 -19.76 -2.92
N ARG B 172 1.22 -21.00 -2.77
CA ARG B 172 1.44 -21.56 -1.44
C ARG B 172 2.44 -20.72 -0.69
N LEU B 173 3.51 -20.37 -1.36
CA LEU B 173 4.61 -19.66 -0.74
C LEU B 173 4.15 -18.25 -0.33
N ARG B 174 3.40 -17.59 -1.21
CA ARG B 174 2.90 -16.24 -0.92
C ARG B 174 1.90 -16.26 0.23
N PHE B 175 1.00 -17.24 0.27
CA PHE B 175 0.07 -17.30 1.39
C PHE B 175 0.83 -17.47 2.70
N ILE B 176 1.78 -18.40 2.74
CA ILE B 176 2.53 -18.61 3.97
C ILE B 176 3.20 -17.32 4.43
N THR B 177 3.85 -16.62 3.51
CA THR B 177 4.54 -15.40 3.85
C THR B 177 3.56 -14.36 4.39
N ASN B 178 2.41 -14.24 3.74
CA ASN B 178 1.43 -13.24 4.14
C ASN B 178 0.84 -13.59 5.50
N ALA B 179 0.58 -14.87 5.75
CA ALA B 179 0.01 -15.28 7.02
C ALA B 179 0.98 -15.00 8.16
N PHE B 180 2.27 -15.29 7.98
CA PHE B 180 3.20 -15.09 9.09
C PHE B 180 3.58 -13.63 9.29
N THR B 181 3.66 -12.83 8.22
CA THR B 181 4.28 -11.52 8.34
C THR B 181 3.41 -10.33 7.99
N ARG B 182 2.21 -10.54 7.45
CA ARG B 182 1.39 -9.39 7.07
C ARG B 182 -0.02 -9.41 7.66
N MET B 183 -0.49 -10.54 8.14
CA MET B 183 -1.86 -10.72 8.57
C MET B 183 -2.28 -9.72 9.65
N ARG B 184 -3.52 -9.23 9.53
CA ARG B 184 -4.17 -8.51 10.61
C ARG B 184 -5.62 -9.01 10.65
N PHE B 185 -6.39 -8.60 9.64
CA PHE B 185 -7.83 -8.90 9.60
C PHE B 185 -8.13 -10.15 8.79
N CYS B 186 -9.20 -10.82 9.20
CA CYS B 186 -9.73 -11.98 8.50
C CYS B 186 -11.19 -11.74 8.15
N PHE B 187 -11.63 -12.37 7.06
CA PHE B 187 -13.04 -12.53 6.80
C PHE B 187 -13.59 -13.59 7.73
N PRO B 188 -14.91 -13.66 7.92
CA PRO B 188 -15.47 -14.63 8.87
C PRO B 188 -15.02 -16.05 8.66
N ASN B 189 -14.80 -16.46 7.40
CA ASN B 189 -14.33 -17.80 7.09
C ASN B 189 -12.82 -18.00 7.28
N GLY B 190 -12.13 -16.99 7.80
CA GLY B 190 -10.71 -17.08 8.04
C GLY B 190 -9.83 -16.53 6.93
N GLN B 191 -10.38 -16.20 5.76
CA GLN B 191 -9.54 -15.71 4.67
C GLN B 191 -8.85 -14.40 5.06
N LEU B 192 -7.61 -14.21 4.58
CA LEU B 192 -6.86 -13.01 4.93
C LEU B 192 -7.31 -11.80 4.12
N ASP B 193 -7.43 -10.67 4.80
CA ASP B 193 -7.51 -9.38 4.14
C ASP B 193 -6.14 -8.74 4.17
N MET B 194 -5.62 -8.35 3.02
CA MET B 194 -4.27 -7.82 2.92
CA MET B 194 -4.26 -7.82 2.91
C MET B 194 -4.21 -6.31 2.81
N TYR B 195 -5.30 -5.60 3.13
CA TYR B 195 -5.35 -4.15 2.89
C TYR B 195 -5.63 -3.31 4.12
N SER B 196 -6.56 -3.71 4.99
CA SER B 196 -6.91 -2.89 6.13
C SER B 196 -5.86 -3.02 7.23
N LYS B 197 -5.39 -1.88 7.74
CA LYS B 197 -4.34 -1.88 8.76
C LYS B 197 -4.77 -1.08 9.98
N GLU B 198 -6.03 -0.68 10.07
CA GLU B 198 -6.46 0.20 11.16
C GLU B 198 -6.80 -0.65 12.38
N SER B 199 -7.27 0.00 13.44
CA SER B 199 -7.70 -0.71 14.62
C SER B 199 -8.98 -1.48 14.34
N PRO B 200 -9.27 -2.51 15.14
CA PRO B 200 -10.49 -3.29 14.89
C PRO B 200 -11.76 -2.46 14.88
N GLU B 201 -11.87 -1.45 15.75
CA GLU B 201 -13.10 -0.66 15.79
C GLU B 201 -13.30 0.14 14.51
N GLU B 202 -12.21 0.52 13.84
CA GLU B 202 -12.33 1.36 12.65
C GLU B 202 -12.42 0.55 11.35
N ALA B 203 -12.26 -0.75 11.40
CA ALA B 203 -12.15 -1.54 10.20
C ALA B 203 -13.52 -1.73 9.53
N PRO B 204 -13.54 -1.89 8.21
CA PRO B 204 -14.81 -2.09 7.52
C PRO B 204 -15.36 -3.50 7.72
N ALA B 205 -16.67 -3.58 7.89
CA ALA B 205 -17.32 -4.88 7.93
C ALA B 205 -17.05 -5.61 6.61
N PRO B 206 -16.97 -6.95 6.64
CA PRO B 206 -17.10 -7.85 7.78
C PRO B 206 -15.78 -8.24 8.44
N LEU B 207 -14.74 -7.42 8.35
CA LEU B 207 -13.43 -7.83 8.84
C LEU B 207 -13.38 -7.88 10.36
N LYS B 208 -12.72 -8.90 10.88
CA LYS B 208 -12.44 -9.09 12.30
C LYS B 208 -10.98 -9.46 12.50
N PRO B 209 -10.40 -9.14 13.65
CA PRO B 209 -9.01 -9.55 13.91
C PRO B 209 -8.86 -11.05 13.78
N TRP B 210 -7.68 -11.46 13.29
CA TRP B 210 -7.40 -12.89 13.16
C TRP B 210 -7.61 -13.62 14.47
N PHE B 211 -7.30 -12.97 15.60
CA PHE B 211 -7.41 -13.66 16.87
C PHE B 211 -8.84 -13.72 17.39
N ALA B 212 -9.78 -13.05 16.72
CA ALA B 212 -11.19 -13.09 17.12
C ALA B 212 -11.93 -14.26 16.50
N ILE B 213 -11.26 -15.02 15.65
CA ILE B 213 -11.80 -16.22 15.02
C ILE B 213 -11.17 -17.43 15.71
N PRO B 214 -11.95 -18.29 16.35
CA PRO B 214 -11.36 -19.41 17.08
C PRO B 214 -10.55 -20.29 16.15
N GLY B 215 -9.32 -20.60 16.57
CA GLY B 215 -8.45 -21.45 15.82
C GLY B 215 -7.75 -22.46 16.72
N PRO B 216 -7.27 -23.56 16.13
CA PRO B 216 -6.78 -24.66 16.96
C PRO B 216 -5.49 -24.36 17.73
N VAL B 217 -4.61 -23.50 17.20
CA VAL B 217 -3.37 -23.24 17.94
C VAL B 217 -3.69 -22.50 19.24
N ALA B 218 -4.55 -21.48 19.16
CA ALA B 218 -4.89 -20.68 20.33
C ALA B 218 -5.64 -21.47 21.39
N GLU B 219 -6.26 -22.59 21.02
CA GLU B 219 -6.94 -23.40 22.02
C GLU B 219 -5.95 -24.05 22.97
N GLU B 220 -4.71 -24.30 22.51
CA GLU B 220 -3.74 -24.99 23.34
C GLU B 220 -2.54 -24.13 23.74
N TYR B 221 -2.22 -23.09 22.97
CA TYR B 221 -1.03 -22.29 23.19
C TYR B 221 -1.36 -20.82 23.40
N SER B 222 -0.52 -20.15 24.19
CA SER B 222 -0.48 -18.70 24.14
C SER B 222 0.20 -18.30 22.84
N ILE B 223 -0.23 -17.18 22.27
CA ILE B 223 0.39 -16.65 21.05
C ILE B 223 0.86 -15.23 21.33
N ALA B 224 2.16 -15.00 21.12
CA ALA B 224 2.72 -13.66 21.16
C ALA B 224 3.04 -13.22 19.73
N PHE B 225 2.80 -11.95 19.44
CA PHE B 225 3.03 -11.43 18.10
C PHE B 225 3.30 -9.93 18.18
N GLY B 226 3.75 -9.36 17.07
CA GLY B 226 3.97 -7.92 17.00
C GLY B 226 3.15 -7.32 15.88
N HIS B 227 3.81 -6.62 14.95
CA HIS B 227 3.25 -6.24 13.66
C HIS B 227 2.13 -5.21 13.65
N TRP B 228 1.06 -5.45 14.39
CA TRP B 228 -0.18 -4.70 14.27
C TRP B 228 -0.18 -3.48 15.19
N ALA B 229 0.52 -2.43 14.75
CA ALA B 229 0.72 -1.29 15.63
C ALA B 229 -0.59 -0.58 15.98
N SER B 230 -1.54 -0.51 15.02
CA SER B 230 -2.76 0.23 15.29
C SER B 230 -3.62 -0.45 16.35
N LEU B 231 -3.32 -1.70 16.65
CA LEU B 231 -3.97 -2.38 17.76
C LEU B 231 -3.51 -1.83 19.10
N GLU B 232 -2.29 -1.28 19.16
CA GLU B 232 -1.70 -0.68 20.37
C GLU B 232 -1.62 -1.68 21.53
N GLY B 233 -1.48 -2.95 21.22
CA GLY B 233 -1.39 -3.98 22.23
C GLY B 233 -2.65 -4.24 23.00
N LYS B 234 -3.78 -3.70 22.56
CA LYS B 234 -5.03 -3.77 23.29
C LYS B 234 -6.06 -4.61 22.57
N GLY B 235 -7.12 -4.97 23.30
CA GLY B 235 -8.26 -5.64 22.74
C GLY B 235 -8.07 -7.11 22.44
N THR B 236 -7.09 -7.77 23.05
CA THR B 236 -6.87 -9.17 22.73
C THR B 236 -7.46 -10.08 23.79
N PRO B 237 -7.85 -11.29 23.40
CA PRO B 237 -8.37 -12.24 24.40
C PRO B 237 -7.26 -12.77 25.29
N GLU B 238 -7.66 -13.50 26.33
CA GLU B 238 -6.69 -14.15 27.19
C GLU B 238 -5.83 -15.13 26.40
N GLY B 239 -4.53 -15.09 26.66
CA GLY B 239 -3.60 -15.95 25.96
C GLY B 239 -3.05 -15.38 24.67
N ILE B 240 -3.47 -14.19 24.28
CA ILE B 240 -3.01 -13.53 23.05
C ILE B 240 -2.31 -12.25 23.48
N TYR B 241 -1.06 -12.11 23.08
CA TYR B 241 -0.21 -11.01 23.53
C TYR B 241 0.24 -10.23 22.31
N ALA B 242 -0.36 -9.06 22.13
CA ALA B 242 -0.01 -8.15 21.05
C ALA B 242 1.03 -7.20 21.61
N LEU B 243 2.31 -7.41 21.25
CA LEU B 243 3.42 -6.71 21.87
C LEU B 243 3.86 -5.46 21.12
N ASP B 244 3.35 -5.21 19.91
CA ASP B 244 3.81 -4.05 19.15
C ASP B 244 3.02 -2.83 19.58
N THR B 245 3.63 -1.98 20.41
CA THR B 245 3.00 -0.75 20.85
C THR B 245 3.58 0.48 20.15
N GLY B 246 4.18 0.27 18.97
CA GLY B 246 4.48 1.36 18.07
C GLY B 246 5.64 2.25 18.44
N CYS B 247 6.74 1.67 18.91
CA CYS B 247 7.88 2.48 19.34
C CYS B 247 8.35 3.43 18.24
N CYS B 248 8.53 2.92 17.02
CA CYS B 248 9.09 3.77 15.96
C CYS B 248 8.12 4.88 15.57
N TRP B 249 6.85 4.72 15.89
CA TRP B 249 5.81 5.69 15.54
C TRP B 249 5.64 6.76 16.60
N GLY B 250 6.47 6.75 17.64
CA GLY B 250 6.25 7.64 18.76
C GLY B 250 5.43 7.04 19.87
N GLY B 251 5.17 5.73 19.83
CA GLY B 251 4.45 5.06 20.89
C GLY B 251 5.43 4.61 21.96
N THR B 252 5.46 3.31 22.25
CA THR B 252 6.32 2.77 23.28
C THR B 252 6.89 1.43 22.82
N LEU B 253 8.00 1.04 23.44
CA LEU B 253 8.53 -0.32 23.30
C LEU B 253 8.09 -1.13 24.52
N THR B 254 7.45 -2.28 24.29
CA THR B 254 6.87 -3.07 25.36
C THR B 254 7.64 -4.37 25.55
N CYS B 255 7.89 -4.71 26.82
CA CYS B 255 8.57 -5.95 27.19
C CYS B 255 7.70 -6.69 28.17
N LEU B 256 7.42 -7.96 27.91
CA LEU B 256 6.64 -8.79 28.80
C LEU B 256 7.57 -9.83 29.42
N ARG B 257 7.61 -9.89 30.75
CA ARG B 257 8.33 -10.95 31.44
C ARG B 257 7.37 -12.10 31.63
N TRP B 258 7.76 -13.26 31.10
CA TRP B 258 6.84 -14.38 30.99
C TRP B 258 6.54 -14.98 32.35
N GLU B 259 7.51 -15.02 33.25
CA GLU B 259 7.35 -15.79 34.47
C GLU B 259 6.20 -15.26 35.32
N ASP B 260 6.06 -13.95 35.38
CA ASP B 260 4.99 -13.33 36.17
C ASP B 260 4.07 -12.49 35.32
N LYS B 261 4.19 -12.55 33.99
CA LYS B 261 3.38 -11.75 33.08
C LYS B 261 3.45 -10.27 33.44
N GLN B 262 4.65 -9.81 33.77
CA GLN B 262 4.78 -8.43 34.18
C GLN B 262 5.27 -7.60 33.00
N TYR B 263 4.63 -6.47 32.75
CA TYR B 263 4.99 -5.61 31.62
C TYR B 263 5.92 -4.48 32.05
N PHE B 264 6.87 -4.16 31.17
CA PHE B 264 7.80 -3.05 31.32
C PHE B 264 7.75 -2.25 30.03
N VAL B 265 7.75 -0.93 30.13
CA VAL B 265 7.52 -0.08 28.97
C VAL B 265 8.64 0.96 28.88
N GLN B 266 9.13 1.19 27.66
CA GLN B 266 10.12 2.22 27.38
C GLN B 266 9.51 3.26 26.46
N PRO B 267 9.41 4.53 26.85
CA PRO B 267 8.86 5.53 25.93
C PRO B 267 9.74 5.70 24.70
N SER B 268 9.09 6.00 23.58
CA SER B 268 9.82 6.31 22.36
C SER B 268 10.64 7.58 22.53
N ASN B 269 11.84 7.60 21.94
CA ASN B 269 12.65 8.80 21.92
C ASN B 269 12.23 9.79 20.85
N ARG B 270 11.38 9.37 19.92
CA ARG B 270 10.93 10.22 18.81
C ARG B 270 10.06 11.38 19.29
#